data_4BAQ
#
_entry.id   4BAQ
#
_cell.length_a   69.410
_cell.length_b   71.510
_cell.length_c   72.160
_cell.angle_alpha   90.00
_cell.angle_beta   100.34
_cell.angle_gamma   90.00
#
_symmetry.space_group_name_H-M   'C 1 2 1'
#
loop_
_entity.id
_entity.type
_entity.pdbx_description
1 polymer 'THROMBIN LIGHT CHAIN'
2 polymer 'THROMBIN HEAVY CHAIN'
3 polymer 'HIRUDIN VARIANT-1'
4 non-polymer 2-acetamido-2-deoxy-beta-D-glucopyranose
5 non-polymer (2S)-N-[(4-carbamimidoylphenyl)methyl]-1-[(2R)-2-cyclohexyl-2-[[2-(ethylamino)-2-oxidanylidene-ethyl]amino]ethanoyl]azetidine-2-carboxamide
6 non-polymer 'SODIUM ION'
7 water water
#
loop_
_entity_poly.entity_id
_entity_poly.type
_entity_poly.pdbx_seq_one_letter_code
_entity_poly.pdbx_strand_id
1 'polypeptide(L)' TFGSGEADCGLRPLFEKKSLEDKTERELLESYIDGR A
2 'polypeptide(L)'
;IVEGSDAEIGMSPWQVMLFRKSPQELLCGASLISDRWVLTAAHCLLYPPWDKNFTENDLLVRIGKHSRTRYERNIEKISM
LEKIYIHPRYNWRENLDRDIALMKLKKPVAFSDYIHPVCLPDRETAASLLQAGYKGRVTGWGNLKETWTANVGKGQPSVL
QVVNLPIVERPVCKDSTRIRITDNMFCAGYKPDEGKRGDACEGDSGGPFVMKSPFNNRWYQMGIVSWGEGCDRDGKYGFY
THVFRLKKWIQKVIDQFGE
;
B
3 'polypeptide(L)' DGDFEEIPEE(TYS)L D
#
loop_
_chem_comp.id
_chem_comp.type
_chem_comp.name
_chem_comp.formula
M4Z non-polymer (2S)-N-[(4-carbamimidoylphenyl)methyl]-1-[(2R)-2-cyclohexyl-2-[[2-(ethylamino)-2-oxidanylidene-ethyl]amino]ethanoyl]azetidine-2-carboxamide 'C24 H36 N6 O3'
NA non-polymer 'SODIUM ION' 'Na 1'
NAG D-saccharide, beta linking 2-acetamido-2-deoxy-beta-D-glucopyranose 'C8 H15 N O6'
#
# COMPACT_ATOMS: atom_id res chain seq x y z
N ALA A 7 -1.01 18.91 10.50
CA ALA A 7 -0.91 18.25 9.19
C ALA A 7 -2.29 18.09 8.52
N ASP A 8 -2.30 18.15 7.19
CA ASP A 8 -3.49 17.97 6.39
C ASP A 8 -3.52 16.51 5.87
N CYS A 9 -2.76 15.59 6.54
CA CYS A 9 -2.74 14.18 6.12
C CYS A 9 -4.12 13.55 6.01
N GLY A 10 -4.24 12.61 5.09
CA GLY A 10 -5.43 11.77 4.93
C GLY A 10 -6.71 12.46 4.53
N LEU A 11 -6.65 13.74 4.09
CA LEU A 11 -7.81 14.45 3.58
C LEU A 11 -7.54 14.67 2.12
N ARG A 12 -8.36 14.08 1.27
CA ARG A 12 -8.14 14.12 -0.18
C ARG A 12 -8.70 15.38 -0.80
N PRO A 13 -7.87 16.07 -1.62
CA PRO A 13 -8.36 17.31 -2.29
C PRO A 13 -9.63 17.12 -3.10
N LEU A 14 -9.82 15.94 -3.71
CA LEU A 14 -10.98 15.71 -4.59
C LEU A 14 -12.17 15.08 -3.90
N PHE A 15 -12.00 14.75 -2.60
CA PHE A 15 -13.04 14.10 -1.83
C PHE A 15 -13.35 14.87 -0.53
N GLU A 16 -12.63 14.57 0.59
CA GLU A 16 -12.86 15.26 1.89
C GLU A 16 -12.77 16.77 1.81
N LYS A 17 -11.79 17.32 1.07
CA LYS A 17 -11.62 18.79 0.96
C LYS A 17 -12.78 19.49 0.26
N LYS A 18 -13.53 18.74 -0.57
CA LYS A 18 -14.69 19.21 -1.32
C LYS A 18 -15.99 18.70 -0.74
N SER A 19 -15.93 17.90 0.35
CA SER A 19 -17.07 17.19 0.96
C SER A 19 -17.78 16.28 -0.09
N LEU A 20 -16.97 15.60 -0.96
CA LEU A 20 -17.49 14.63 -1.93
C LEU A 20 -17.11 13.24 -1.45
N GLU A 21 -17.99 12.28 -1.60
CA GLU A 21 -17.70 10.92 -1.18
C GLU A 21 -17.39 10.07 -2.36
N ASP A 22 -16.41 9.13 -2.20
CA ASP A 22 -16.13 8.19 -3.28
C ASP A 22 -17.21 7.11 -3.23
N LYS A 23 -17.29 6.29 -4.29
CA LYS A 23 -18.29 5.24 -4.48
C LYS A 23 -18.39 4.14 -3.43
N THR A 24 -17.31 3.80 -2.74
CA THR A 24 -17.39 2.69 -1.81
C THR A 24 -17.02 3.02 -0.37
N GLU A 25 -16.60 4.26 -0.06
CA GLU A 25 -16.20 4.59 1.32
C GLU A 25 -17.26 4.31 2.38
N ARG A 26 -18.56 4.44 2.01
CA ARG A 26 -19.65 4.17 2.95
C ARG A 26 -19.64 2.70 3.45
N GLU A 27 -19.22 1.76 2.59
CA GLU A 27 -19.01 0.32 2.87
C GLU A 27 -18.01 0.16 4.03
N LEU A 28 -16.92 0.97 4.05
CA LEU A 28 -15.95 0.96 5.16
C LEU A 28 -16.60 1.48 6.44
N LEU A 29 -17.26 2.64 6.37
CA LEU A 29 -17.92 3.23 7.54
C LEU A 29 -18.96 2.31 8.17
N GLU A 30 -19.79 1.68 7.33
CA GLU A 30 -20.85 0.74 7.75
C GLU A 30 -20.27 -0.49 8.44
N SER A 31 -19.01 -0.87 8.10
CA SER A 31 -18.33 -2.01 8.74
C SER A 31 -17.81 -1.63 10.15
N TYR A 32 -17.72 -0.31 10.47
CA TYR A 32 -17.18 0.11 11.76
C TYR A 32 -18.30 0.14 12.81
N ILE A 33 -18.88 -1.04 13.06
CA ILE A 33 -20.01 -1.26 13.96
C ILE A 33 -19.56 -1.14 15.43
N ASP A 34 -17.24 -4.28 16.94
N ILE B 1 -4.24 -6.51 -8.01
CA ILE B 1 -5.52 -6.62 -7.33
C ILE B 1 -6.43 -7.51 -8.13
N VAL B 2 -6.96 -8.52 -7.47
CA VAL B 2 -7.86 -9.51 -8.08
C VAL B 2 -9.26 -9.19 -7.56
N GLU B 3 -10.24 -9.11 -8.47
CA GLU B 3 -11.66 -8.88 -8.13
C GLU B 3 -11.91 -7.50 -7.50
N GLY B 4 -11.16 -6.50 -7.95
CA GLY B 4 -11.34 -5.12 -7.51
C GLY B 4 -12.10 -4.34 -8.57
N SER B 5 -11.91 -3.02 -8.60
CA SER B 5 -12.55 -2.12 -9.56
C SER B 5 -11.57 -1.03 -9.87
N ASP B 6 -11.77 -0.31 -10.98
CA ASP B 6 -10.89 0.82 -11.32
C ASP B 6 -11.06 1.85 -10.23
N ALA B 7 -9.96 2.47 -9.79
CA ALA B 7 -10.06 3.53 -8.77
C ALA B 7 -10.67 4.78 -9.44
N GLU B 8 -11.25 5.68 -8.64
CA GLU B 8 -11.73 6.97 -9.16
C GLU B 8 -10.53 7.90 -9.16
N ILE B 9 -10.58 8.97 -9.96
CA ILE B 9 -9.51 9.95 -10.01
C ILE B 9 -9.34 10.62 -8.62
N GLY B 10 -8.09 10.69 -8.13
CA GLY B 10 -7.74 11.29 -6.85
C GLY B 10 -8.25 10.55 -5.61
N MET B 11 -8.73 9.32 -5.78
CA MET B 11 -9.26 8.46 -4.72
C MET B 11 -8.19 7.99 -3.73
N SER B 12 -6.96 7.78 -4.18
CA SER B 12 -5.88 7.29 -3.35
C SER B 12 -4.65 8.17 -3.66
N PRO B 13 -4.65 9.47 -3.25
CA PRO B 13 -3.56 10.38 -3.68
C PRO B 13 -2.22 10.16 -3.03
N TRP B 14 -2.15 9.24 -2.05
CA TRP B 14 -0.91 8.86 -1.38
C TRP B 14 -0.30 7.66 -2.14
N GLN B 15 -0.99 7.10 -3.12
CA GLN B 15 -0.51 5.92 -3.87
C GLN B 15 0.75 6.23 -4.61
N VAL B 16 1.77 5.39 -4.43
CA VAL B 16 3.08 5.57 -5.06
C VAL B 16 3.40 4.34 -5.89
N MET B 17 3.97 4.56 -7.10
CA MET B 17 4.43 3.42 -7.91
C MET B 17 5.95 3.34 -7.76
N LEU B 18 6.48 2.16 -7.38
CA LEU B 18 7.94 1.95 -7.31
C LEU B 18 8.30 1.43 -8.68
N PHE B 19 9.13 2.19 -9.38
CA PHE B 19 9.41 1.90 -10.78
C PHE B 19 10.85 1.57 -11.05
N ARG B 20 11.10 0.39 -11.65
CA ARG B 20 12.46 -0.05 -12.00
C ARG B 20 12.92 0.71 -13.25
N LYS B 21 14.08 1.39 -13.17
CA LYS B 21 14.66 2.17 -14.27
C LYS B 21 14.98 1.30 -15.49
N SER B 22 15.57 0.10 -15.28
CA SER B 22 15.99 -0.80 -16.37
C SER B 22 15.95 -2.29 -15.99
N PRO B 23 15.09 -3.12 -16.65
CA PRO B 23 14.07 -2.80 -17.66
C PRO B 23 12.95 -1.93 -17.04
N GLN B 24 12.38 -0.98 -17.82
CA GLN B 24 11.33 -0.06 -17.35
C GLN B 24 10.09 -0.85 -17.02
N GLU B 25 9.88 -1.12 -15.72
CA GLU B 25 8.74 -1.91 -15.25
C GLU B 25 8.29 -1.57 -13.82
N LEU B 26 7.09 -2.09 -13.47
CA LEU B 26 6.48 -1.92 -12.17
C LEU B 26 7.21 -2.87 -11.22
N LEU B 27 7.70 -2.30 -10.12
CA LEU B 27 8.38 -3.03 -9.07
C LEU B 27 7.35 -3.34 -7.97
N CYS B 28 6.67 -2.30 -7.45
CA CYS B 28 5.83 -2.47 -6.28
C CYS B 28 4.93 -1.27 -6.13
N GLY B 29 4.05 -1.35 -5.14
CA GLY B 29 3.29 -0.21 -4.67
C GLY B 29 4.05 0.39 -3.50
N ALA B 30 3.59 1.53 -3.02
CA ALA B 30 4.16 2.27 -1.92
C ALA B 30 3.18 3.37 -1.56
N SER B 31 3.51 4.19 -0.55
CA SER B 31 2.61 5.26 -0.10
C SER B 31 3.35 6.49 0.33
N LEU B 32 2.75 7.66 0.07
CA LEU B 32 3.33 8.93 0.45
C LEU B 32 2.90 9.30 1.87
N ILE B 33 3.87 9.41 2.80
CA ILE B 33 3.62 9.74 4.22
C ILE B 33 3.97 11.19 4.64
N SER B 34 4.72 11.91 3.80
CA SER B 34 5.12 13.32 3.96
C SER B 34 5.60 13.79 2.60
N ASP B 35 6.05 15.07 2.46
CA ASP B 35 6.55 15.56 1.18
C ASP B 35 7.89 14.92 0.79
N ARG B 36 8.59 14.32 1.78
CA ARG B 36 9.92 13.73 1.57
C ARG B 36 10.05 12.21 1.84
N TRP B 37 9.03 11.58 2.45
CA TRP B 37 9.08 10.16 2.84
C TRP B 37 8.03 9.27 2.21
N VAL B 38 8.49 8.12 1.71
CA VAL B 38 7.69 7.08 1.06
C VAL B 38 7.86 5.76 1.85
N LEU B 39 6.73 5.11 2.14
CA LEU B 39 6.63 3.86 2.90
C LEU B 39 6.33 2.71 1.94
N THR B 40 7.08 1.60 2.11
CA THR B 40 6.87 0.43 1.27
C THR B 40 7.17 -0.85 2.09
N ALA B 41 7.14 -2.00 1.43
CA ALA B 41 7.45 -3.29 2.06
C ALA B 41 8.92 -3.51 1.85
N ALA B 42 9.64 -3.97 2.86
CA ALA B 42 11.06 -4.30 2.74
C ALA B 42 11.34 -5.28 1.58
N HIS B 43 10.42 -6.23 1.31
CA HIS B 43 10.64 -7.27 0.30
C HIS B 43 10.62 -6.73 -1.11
N CYS B 44 10.11 -5.50 -1.30
CA CYS B 44 10.15 -4.82 -2.60
C CYS B 44 11.59 -4.46 -2.95
N LEU B 45 12.40 -4.23 -1.92
CA LEU B 45 13.79 -3.81 -2.08
C LEU B 45 14.81 -4.92 -1.82
N LEU B 46 14.57 -5.76 -0.79
CA LEU B 46 15.49 -6.82 -0.42
C LEU B 46 14.76 -8.11 -0.29
N TYR B 47 15.01 -9.02 -1.21
CA TYR B 47 14.44 -10.35 -1.15
C TYR B 47 15.42 -11.39 -1.73
N PRO B 48 16.42 -11.82 -0.88
CA PRO B 48 17.43 -12.81 -1.36
C PRO B 48 16.92 -14.05 -2.06
N PRO B 49 15.78 -14.70 -1.69
CA PRO B 49 15.33 -15.86 -2.45
C PRO B 49 15.11 -15.66 -3.95
N TRP B 50 14.80 -14.43 -4.38
CA TRP B 50 14.56 -14.12 -5.80
C TRP B 50 15.65 -13.22 -6.38
N ASP B 51 16.78 -13.10 -5.65
CA ASP B 51 17.93 -12.26 -6.02
C ASP B 51 17.60 -10.76 -6.12
N LYS B 52 16.64 -10.32 -5.31
CA LYS B 52 16.22 -8.93 -5.26
C LYS B 52 17.03 -8.22 -4.18
N ASN B 53 17.75 -7.16 -4.57
CA ASN B 53 18.55 -6.30 -3.68
C ASN B 53 18.77 -4.95 -4.37
N PHE B 54 17.75 -4.08 -4.36
CA PHE B 54 17.83 -2.77 -5.00
C PHE B 54 18.53 -1.70 -4.15
N THR B 55 19.28 -0.82 -4.82
CA THR B 55 19.93 0.34 -4.22
C THR B 55 19.15 1.57 -4.72
N GLU B 56 19.31 2.71 -4.04
CA GLU B 56 18.62 3.98 -4.36
C GLU B 56 18.60 4.28 -5.85
N ASN B 57 19.78 4.27 -6.49
CA ASN B 57 19.92 4.59 -7.91
C ASN B 57 19.26 3.63 -8.90
N ASP B 58 18.78 2.45 -8.44
CA ASP B 58 18.11 1.49 -9.31
C ASP B 58 16.67 1.85 -9.65
N LEU B 59 16.02 2.68 -8.82
CA LEU B 59 14.60 2.96 -9.07
C LEU B 59 14.13 4.40 -8.94
N LEU B 60 12.87 4.61 -9.33
CA LEU B 60 12.19 5.90 -9.26
C LEU B 60 10.85 5.73 -8.55
N VAL B 61 10.38 6.79 -7.89
CA VAL B 61 9.04 6.78 -7.31
C VAL B 61 8.14 7.67 -8.19
N ARG B 62 7.01 7.12 -8.64
CA ARG B 62 6.07 7.86 -9.48
C ARG B 62 4.78 8.09 -8.68
N ILE B 63 4.53 9.36 -8.34
CA ILE B 63 3.43 9.83 -7.48
C ILE B 63 2.35 10.60 -8.26
N GLY B 64 1.09 10.37 -7.92
CA GLY B 64 -0.07 11.01 -8.54
C GLY B 64 -0.61 10.25 -9.71
N LYS B 65 -0.22 8.94 -9.86
CA LYS B 65 -0.61 8.13 -11.01
C LYS B 65 -1.98 7.54 -10.93
N HIS B 66 -2.55 7.20 -12.10
CA HIS B 66 -3.82 6.50 -12.24
C HIS B 66 -3.61 5.36 -13.25
N SER B 67 -3.14 5.73 -14.45
CA SER B 67 -2.81 4.75 -15.48
C SER B 67 -1.50 4.04 -15.06
N ARG B 68 -1.44 2.72 -15.26
CA ARG B 68 -0.26 1.91 -14.97
C ARG B 68 0.90 2.24 -15.88
N THR B 69 0.69 2.15 -17.22
CA THR B 69 1.72 2.34 -18.25
C THR B 69 2.07 3.73 -18.78
N ARG B 70 1.05 4.58 -19.02
CA ARG B 70 1.29 5.90 -19.61
C ARG B 70 2.01 6.84 -18.69
N TYR B 71 2.83 7.76 -19.27
CA TYR B 71 3.48 8.83 -18.52
C TYR B 71 2.38 9.90 -18.44
N GLU B 72 1.95 10.24 -17.22
CA GLU B 72 0.84 11.15 -16.94
C GLU B 72 1.32 12.58 -16.79
N ARG B 73 1.60 13.14 -17.97
CA ARG B 73 2.12 14.47 -18.19
C ARG B 73 1.16 15.46 -17.54
N ASN B 74 1.71 16.35 -16.72
CA ASN B 74 1.09 17.42 -15.92
C ASN B 74 0.34 16.92 -14.68
N ILE B 75 0.40 15.59 -14.41
CA ILE B 75 -0.31 14.95 -13.32
C ILE B 75 0.68 14.26 -12.38
N GLU B 76 1.37 13.22 -12.86
CA GLU B 76 2.36 12.54 -12.01
C GLU B 76 3.63 13.31 -11.88
N LYS B 77 4.33 13.10 -10.74
CA LYS B 77 5.65 13.60 -10.43
C LYS B 77 6.53 12.37 -10.17
N ILE B 78 7.74 12.37 -10.76
CA ILE B 78 8.72 11.30 -10.67
C ILE B 78 9.86 11.80 -9.79
N SER B 79 10.21 11.05 -8.75
CA SER B 79 11.28 11.46 -7.84
C SER B 79 12.37 10.40 -7.74
N MET B 80 13.57 10.86 -7.41
CA MET B 80 14.74 10.02 -7.23
C MET B 80 14.92 9.80 -5.75
N LEU B 81 15.57 8.70 -5.37
CA LEU B 81 15.78 8.35 -3.98
C LEU B 81 17.11 8.78 -3.42
N GLU B 82 17.08 9.52 -2.32
CA GLU B 82 18.26 9.94 -1.58
C GLU B 82 18.78 8.73 -0.79
N LYS B 83 17.91 8.07 0.02
CA LYS B 83 18.30 6.92 0.84
C LYS B 83 17.13 5.94 1.16
N ILE B 84 17.45 4.63 1.18
CA ILE B 84 16.57 3.51 1.53
C ILE B 84 16.92 3.13 2.96
N TYR B 85 15.90 2.76 3.75
CA TYR B 85 16.01 2.31 5.12
C TYR B 85 15.08 1.11 5.25
N ILE B 86 15.65 -0.08 5.46
CA ILE B 86 14.94 -1.33 5.65
C ILE B 86 14.93 -1.62 7.15
N HIS B 87 13.81 -2.11 7.73
CA HIS B 87 13.76 -2.44 9.16
C HIS B 87 14.96 -3.36 9.51
N PRO B 88 15.78 -3.06 10.55
CA PRO B 88 16.93 -3.95 10.83
C PRO B 88 16.57 -5.40 11.20
N ARG B 89 15.32 -5.64 11.67
CA ARG B 89 14.88 -6.99 12.00
C ARG B 89 13.87 -7.56 11.00
N TYR B 90 13.90 -7.07 9.73
CA TYR B 90 13.06 -7.61 8.67
C TYR B 90 13.48 -9.09 8.46
N ASN B 91 12.51 -10.04 8.49
CA ASN B 91 12.74 -11.49 8.37
C ASN B 91 12.31 -12.06 7.02
N TRP B 92 13.18 -11.97 6.05
CA TRP B 92 12.88 -12.48 4.72
C TRP B 92 13.03 -14.00 4.67
N ARG B 93 13.76 -14.58 5.65
CA ARG B 93 14.04 -16.04 5.65
C ARG B 93 12.83 -16.91 5.84
N GLU B 94 11.85 -16.46 6.63
CA GLU B 94 10.74 -17.33 6.97
C GLU B 94 9.33 -16.85 6.60
N ASN B 95 8.90 -15.72 7.18
CA ASN B 95 7.51 -15.28 7.09
C ASN B 95 7.33 -13.82 6.79
N LEU B 96 8.41 -13.12 6.40
CA LEU B 96 8.36 -11.69 6.08
C LEU B 96 7.94 -10.84 7.30
N ASP B 97 8.40 -11.27 8.51
CA ASP B 97 8.13 -10.52 9.71
C ASP B 97 8.84 -9.16 9.60
N ARG B 98 8.13 -8.09 9.98
CA ARG B 98 8.57 -6.68 9.91
C ARG B 98 8.92 -6.28 8.48
N ASP B 99 8.00 -6.60 7.55
CA ASP B 99 8.16 -6.31 6.12
C ASP B 99 7.83 -4.82 5.88
N ILE B 100 8.80 -3.97 6.18
CA ILE B 100 8.67 -2.51 6.14
C ILE B 100 9.95 -1.83 5.75
N ALA B 101 9.84 -0.76 4.96
CA ALA B 101 10.98 0.04 4.53
C ALA B 101 10.54 1.48 4.32
N LEU B 102 11.46 2.44 4.60
CA LEU B 102 11.27 3.85 4.32
C LEU B 102 12.23 4.28 3.22
N MET B 103 11.78 5.23 2.38
CA MET B 103 12.56 5.79 1.27
C MET B 103 12.50 7.29 1.33
N LYS B 104 13.67 7.94 1.41
CA LYS B 104 13.79 9.40 1.43
C LYS B 104 13.92 9.91 0.02
N LEU B 105 13.09 10.90 -0.32
CA LEU B 105 13.12 11.47 -1.67
C LEU B 105 14.19 12.52 -1.74
N LYS B 106 14.87 12.62 -2.90
CA LYS B 106 15.94 13.60 -3.08
C LYS B 106 15.44 15.04 -2.86
N LYS B 107 14.29 15.38 -3.47
CA LYS B 107 13.64 16.68 -3.34
C LYS B 107 12.21 16.49 -2.81
N PRO B 108 11.67 17.43 -2.00
CA PRO B 108 10.27 17.29 -1.55
C PRO B 108 9.31 17.32 -2.74
N VAL B 109 8.23 16.53 -2.64
CA VAL B 109 7.21 16.47 -3.69
C VAL B 109 6.18 17.57 -3.40
N ALA B 110 5.67 18.25 -4.44
CA ALA B 110 4.65 19.27 -4.24
C ALA B 110 3.30 18.61 -4.27
N PHE B 111 2.42 18.96 -3.30
CA PHE B 111 1.08 18.39 -3.24
C PHE B 111 0.19 19.02 -4.27
N SER B 112 -0.83 18.28 -4.68
CA SER B 112 -1.77 18.68 -5.72
C SER B 112 -3.07 17.92 -5.48
N ASP B 113 -4.02 17.99 -6.42
CA ASP B 113 -5.27 17.25 -6.31
C ASP B 113 -5.04 15.72 -6.38
N TYR B 114 -3.89 15.29 -6.95
CA TYR B 114 -3.59 13.88 -7.18
C TYR B 114 -2.52 13.31 -6.25
N ILE B 115 -1.84 14.19 -5.50
CA ILE B 115 -0.68 13.92 -4.62
C ILE B 115 -0.95 14.50 -3.26
N HIS B 116 -1.07 13.62 -2.26
CA HIS B 116 -1.38 14.06 -0.91
C HIS B 116 -1.03 12.95 0.06
N PRO B 117 -0.38 13.23 1.19
CA PRO B 117 0.01 12.13 2.08
C PRO B 117 -1.11 11.52 2.92
N VAL B 118 -0.95 10.23 3.23
CA VAL B 118 -1.87 9.51 4.09
C VAL B 118 -1.41 9.70 5.56
N CYS B 119 -2.33 9.60 6.56
CA CYS B 119 -1.92 9.64 7.97
C CYS B 119 -1.40 8.28 8.42
N LEU B 120 -0.54 8.33 9.44
CA LEU B 120 -0.07 7.13 10.11
C LEU B 120 -0.77 7.06 11.45
N PRO B 121 -1.27 5.88 11.84
CA PRO B 121 -2.04 5.79 13.10
C PRO B 121 -1.25 5.97 14.39
N ASP B 122 -1.95 6.52 15.38
CA ASP B 122 -1.52 6.67 16.76
C ASP B 122 -2.07 5.42 17.46
N ARG B 123 -1.68 5.17 18.73
CA ARG B 123 -2.16 4.00 19.50
C ARG B 123 -3.67 3.83 19.52
N GLU B 124 -4.41 4.93 19.80
CA GLU B 124 -5.88 4.88 19.89
C GLU B 124 -6.56 4.63 18.55
N THR B 125 -6.10 5.30 17.49
CA THR B 125 -6.68 5.09 16.15
C THR B 125 -6.52 3.60 15.76
N ALA B 126 -5.30 3.05 15.99
CA ALA B 126 -5.01 1.64 15.76
C ALA B 126 -5.90 0.71 16.58
N ALA B 127 -6.07 0.98 17.88
CA ALA B 127 -6.93 0.16 18.75
C ALA B 127 -8.40 0.19 18.34
N SER B 128 -8.89 1.38 17.98
CA SER B 128 -10.28 1.52 17.58
C SER B 128 -10.65 0.99 16.19
N LEU B 129 -9.70 0.99 15.23
CA LEU B 129 -9.98 0.52 13.86
C LEU B 129 -9.53 -0.91 13.54
N LEU B 130 -8.42 -1.38 14.13
CA LEU B 130 -7.92 -2.73 13.85
C LEU B 130 -8.75 -3.80 14.54
N GLN B 131 -9.97 -4.03 14.02
CA GLN B 131 -10.92 -4.98 14.57
C GLN B 131 -11.46 -5.89 13.50
N ALA B 132 -11.56 -7.21 13.83
CA ALA B 132 -12.11 -8.24 12.94
C ALA B 132 -13.48 -7.78 12.44
N GLY B 133 -13.70 -7.87 11.12
CA GLY B 133 -14.95 -7.39 10.51
C GLY B 133 -14.85 -5.98 9.94
N TYR B 134 -14.01 -5.12 10.55
CA TYR B 134 -13.82 -3.74 10.06
C TYR B 134 -13.12 -3.77 8.69
N LYS B 135 -13.65 -3.03 7.73
CA LYS B 135 -13.07 -3.05 6.39
C LYS B 135 -12.03 -1.98 6.16
N GLY B 136 -11.01 -2.36 5.41
CA GLY B 136 -9.97 -1.47 4.92
C GLY B 136 -9.97 -1.50 3.41
N ARG B 137 -9.07 -0.72 2.80
CA ARG B 137 -9.01 -0.57 1.36
C ARG B 137 -7.60 -0.79 0.86
N VAL B 138 -7.44 -1.66 -0.14
CA VAL B 138 -6.14 -1.97 -0.75
C VAL B 138 -6.15 -1.48 -2.21
N THR B 139 -5.08 -0.83 -2.62
CA THR B 139 -4.97 -0.32 -3.98
C THR B 139 -3.63 -0.76 -4.61
N GLY B 140 -3.61 -0.92 -5.93
CA GLY B 140 -2.36 -1.24 -6.61
C GLY B 140 -2.50 -1.52 -8.09
N TRP B 141 -1.36 -1.60 -8.79
CA TRP B 141 -1.34 -1.89 -10.24
C TRP B 141 -0.90 -3.32 -10.50
N GLY B 142 -1.05 -4.18 -9.49
CA GLY B 142 -0.66 -5.58 -9.57
C GLY B 142 -1.58 -6.43 -10.40
N ASN B 143 -1.23 -7.71 -10.50
CA ASN B 143 -1.97 -8.70 -11.28
C ASN B 143 -3.45 -8.75 -10.97
N LEU B 144 -4.27 -8.81 -12.04
CA LEU B 144 -5.72 -8.97 -11.92
C LEU B 144 -6.06 -10.43 -11.62
N LYS B 145 -5.12 -11.34 -11.87
CA LYS B 145 -5.29 -12.78 -11.68
C LYS B 145 -3.99 -13.40 -11.20
N GLU B 146 -4.08 -14.49 -10.42
CA GLU B 146 -2.93 -15.23 -9.88
C GLU B 146 -2.00 -15.77 -11.01
N THR B 147 -2.58 -16.40 -12.04
CA THR B 147 -1.80 -16.93 -13.17
C THR B 147 -1.91 -15.98 -14.37
N TRP B 148 -3.02 -15.75 -14.87
N GLY B 155 -3.92 -11.19 -16.04
CA GLY B 155 -4.07 -9.85 -16.58
C GLY B 155 -3.33 -8.76 -15.83
N GLN B 156 -3.08 -7.65 -16.52
CA GLN B 156 -2.42 -6.45 -16.00
C GLN B 156 -3.42 -5.29 -16.20
N PRO B 157 -3.75 -4.47 -15.16
CA PRO B 157 -4.77 -3.42 -15.38
C PRO B 157 -4.25 -2.22 -16.14
N SER B 158 -5.16 -1.50 -16.81
CA SER B 158 -4.79 -0.24 -17.46
C SER B 158 -4.71 0.85 -16.40
N VAL B 159 -5.62 0.86 -15.40
CA VAL B 159 -5.59 1.87 -14.34
C VAL B 159 -5.49 1.28 -12.91
N LEU B 160 -5.19 2.15 -11.91
CA LEU B 160 -5.10 1.76 -10.49
C LEU B 160 -6.36 1.00 -10.09
N GLN B 161 -6.20 -0.13 -9.39
CA GLN B 161 -7.33 -0.95 -8.94
C GLN B 161 -7.57 -0.76 -7.45
N VAL B 162 -8.82 -0.96 -6.99
CA VAL B 162 -9.22 -0.79 -5.60
C VAL B 162 -10.05 -1.98 -5.13
N VAL B 163 -9.86 -2.39 -3.89
CA VAL B 163 -10.70 -3.42 -3.28
C VAL B 163 -10.86 -3.14 -1.77
N ASN B 164 -12.10 -3.26 -1.27
CA ASN B 164 -12.36 -3.13 0.16
C ASN B 164 -12.42 -4.51 0.76
N LEU B 165 -11.71 -4.73 1.87
CA LEU B 165 -11.60 -6.06 2.49
C LEU B 165 -11.69 -6.01 4.00
N PRO B 166 -12.44 -6.95 4.60
CA PRO B 166 -12.53 -6.98 6.07
C PRO B 166 -11.32 -7.59 6.76
N ILE B 167 -10.94 -7.02 7.92
CA ILE B 167 -9.88 -7.57 8.77
C ILE B 167 -10.43 -8.90 9.32
N VAL B 168 -9.58 -9.93 9.33
CA VAL B 168 -10.01 -11.28 9.75
C VAL B 168 -9.47 -11.59 11.15
N GLU B 169 -10.24 -12.35 11.98
CA GLU B 169 -9.84 -12.73 13.34
C GLU B 169 -8.48 -13.45 13.29
N ARG B 170 -7.58 -13.17 14.27
CA ARG B 170 -6.24 -13.76 14.34
C ARG B 170 -6.25 -15.32 14.29
N PRO B 171 -7.16 -16.05 15.00
CA PRO B 171 -7.16 -17.52 14.88
C PRO B 171 -7.49 -17.99 13.47
N VAL B 172 -8.43 -17.31 12.80
CA VAL B 172 -8.82 -17.63 11.42
C VAL B 172 -7.64 -17.43 10.45
N CYS B 173 -6.82 -16.35 10.63
CA CYS B 173 -5.61 -16.07 9.83
C CYS B 173 -4.61 -17.24 10.05
N LYS B 174 -4.31 -17.52 11.34
CA LYS B 174 -3.39 -18.58 11.80
C LYS B 174 -3.77 -19.97 11.23
N ASP B 175 -5.08 -20.24 11.19
CA ASP B 175 -5.62 -21.51 10.70
C ASP B 175 -5.71 -21.68 9.22
N SER B 176 -5.47 -20.58 8.45
CA SER B 176 -5.56 -20.63 7.01
C SER B 176 -4.24 -21.03 6.37
N THR B 177 -3.15 -21.04 7.14
CA THR B 177 -1.79 -21.27 6.58
C THR B 177 -0.87 -22.11 7.49
N ARG B 178 0.21 -22.66 6.92
CA ARG B 178 1.25 -23.39 7.67
C ARG B 178 2.30 -22.39 8.11
N ILE B 179 2.31 -21.19 7.53
CA ILE B 179 3.28 -20.16 7.91
C ILE B 179 2.97 -19.61 9.29
N ARG B 180 4.01 -19.35 10.08
CA ARG B 180 3.88 -18.76 11.39
C ARG B 180 3.58 -17.24 11.27
N ILE B 181 2.48 -16.80 11.87
CA ILE B 181 2.00 -15.41 11.88
C ILE B 181 2.51 -14.70 13.14
N THR B 182 2.92 -13.42 13.04
CA THR B 182 3.40 -12.65 14.21
C THR B 182 2.43 -11.52 14.53
N ASP B 183 2.67 -10.79 15.64
CA ASP B 183 1.87 -9.62 16.03
C ASP B 183 2.17 -8.42 15.11
N ASN B 184 3.20 -8.54 14.23
CA ASN B 184 3.57 -7.46 13.28
C ASN B 184 2.82 -7.62 11.96
N MET B 185 1.87 -8.53 11.91
CA MET B 185 1.08 -8.76 10.70
C MET B 185 -0.36 -8.99 11.03
N PHE B 186 -1.25 -8.74 10.06
CA PHE B 186 -2.66 -9.05 10.20
C PHE B 186 -3.10 -9.58 8.86
N CYS B 187 -4.24 -10.29 8.83
CA CYS B 187 -4.75 -10.76 7.57
C CYS B 187 -6.13 -10.19 7.30
N ALA B 188 -6.48 -10.10 6.03
CA ALA B 188 -7.76 -9.52 5.58
C ALA B 188 -8.27 -10.25 4.34
N GLY B 189 -9.58 -10.22 4.15
CA GLY B 189 -10.25 -10.85 3.02
C GLY B 189 -11.52 -11.53 3.44
N TYR B 190 -12.33 -11.90 2.48
CA TYR B 190 -13.60 -12.57 2.74
C TYR B 190 -13.41 -14.09 2.90
N LYS B 191 -14.29 -14.71 3.68
CA LYS B 191 -14.34 -16.16 3.89
C LYS B 191 -15.09 -16.76 2.67
N PRO B 192 -14.99 -18.09 2.37
CA PRO B 192 -15.73 -18.64 1.22
C PRO B 192 -17.25 -18.51 1.33
N ASP B 193 -17.78 -18.45 2.58
CA ASP B 193 -19.22 -18.31 2.86
C ASP B 193 -19.80 -16.93 2.54
N GLU B 194 -18.96 -15.86 2.63
CA GLU B 194 -19.37 -14.46 2.44
C GLU B 194 -19.84 -14.04 1.04
N GLY B 195 -19.44 -14.79 0.00
CA GLY B 195 -19.82 -14.50 -1.37
C GLY B 195 -18.88 -13.54 -2.07
N LYS B 196 -18.69 -12.32 -1.47
CA LYS B 196 -17.77 -11.29 -1.98
C LYS B 196 -16.34 -11.85 -2.03
N ARG B 197 -15.55 -11.38 -3.00
CA ARG B 197 -14.16 -11.81 -3.26
C ARG B 197 -13.19 -10.62 -3.17
N GLY B 198 -11.93 -10.88 -3.50
CA GLY B 198 -10.92 -9.83 -3.53
C GLY B 198 -9.66 -10.10 -2.74
N ASP B 199 -8.54 -9.62 -3.29
CA ASP B 199 -7.22 -9.80 -2.69
C ASP B 199 -6.20 -8.97 -3.41
N ALA B 200 -5.08 -8.71 -2.74
CA ALA B 200 -3.94 -8.09 -3.38
C ALA B 200 -3.23 -9.25 -4.12
N CYS B 201 -2.29 -8.95 -4.97
CA CYS B 201 -1.57 -10.00 -5.71
C CYS B 201 -0.18 -9.51 -6.04
N GLU B 202 0.63 -10.28 -6.80
CA GLU B 202 2.00 -9.84 -7.17
C GLU B 202 1.94 -8.48 -7.92
N GLY B 203 2.83 -7.57 -7.54
CA GLY B 203 2.88 -6.21 -8.05
C GLY B 203 2.19 -5.21 -7.12
N ASP B 204 1.30 -5.70 -6.21
CA ASP B 204 0.60 -4.87 -5.22
C ASP B 204 1.41 -4.68 -3.95
N SER B 205 2.44 -5.52 -3.76
CA SER B 205 3.34 -5.45 -2.59
C SER B 205 3.82 -4.07 -2.35
N GLY B 206 3.92 -3.70 -1.07
CA GLY B 206 4.39 -2.40 -0.64
C GLY B 206 3.29 -1.35 -0.61
N GLY B 207 2.16 -1.67 -1.24
CA GLY B 207 1.02 -0.77 -1.26
C GLY B 207 0.31 -0.65 0.06
N PRO B 208 -0.56 0.36 0.20
CA PRO B 208 -1.22 0.59 1.50
C PRO B 208 -2.55 -0.12 1.66
N PHE B 209 -2.86 -0.50 2.92
CA PHE B 209 -4.17 -1.01 3.38
C PHE B 209 -4.63 0.19 4.25
N VAL B 210 -5.66 0.92 3.80
CA VAL B 210 -6.06 2.13 4.52
C VAL B 210 -7.45 2.01 5.10
N MET B 211 -7.75 2.81 6.10
CA MET B 211 -9.07 2.86 6.72
C MET B 211 -9.43 4.32 6.92
N LYS B 212 -10.73 4.65 6.79
CA LYS B 212 -11.15 6.06 7.02
C LYS B 212 -11.67 6.20 8.45
N SER B 213 -10.98 6.99 9.31
CA SER B 213 -11.41 7.15 10.69
C SER B 213 -12.84 7.77 10.77
N PRO B 214 -13.80 7.14 11.49
CA PRO B 214 -15.13 7.76 11.61
C PRO B 214 -15.13 8.91 12.65
N PHE B 215 -14.01 9.11 13.35
CA PHE B 215 -13.83 10.13 14.39
C PHE B 215 -13.38 11.46 13.82
N ASN B 216 -12.38 11.45 12.92
CA ASN B 216 -11.87 12.71 12.35
C ASN B 216 -11.94 12.77 10.82
N ASN B 217 -12.53 11.73 10.19
CA ASN B 217 -12.72 11.58 8.75
C ASN B 217 -11.45 11.58 7.92
N ARG B 218 -10.31 11.25 8.55
CA ARG B 218 -9.01 11.18 7.86
C ARG B 218 -8.67 9.74 7.52
N TRP B 219 -7.94 9.54 6.43
CA TRP B 219 -7.51 8.20 6.01
C TRP B 219 -6.20 7.89 6.67
N TYR B 220 -6.12 6.68 7.27
CA TYR B 220 -4.94 6.17 7.98
C TYR B 220 -4.42 4.92 7.34
N GLN B 221 -3.09 4.81 7.21
CA GLN B 221 -2.54 3.58 6.65
C GLN B 221 -2.33 2.59 7.81
N MET B 222 -3.10 1.53 7.82
CA MET B 222 -3.01 0.53 8.89
C MET B 222 -2.10 -0.62 8.49
N GLY B 223 -2.00 -0.89 7.19
CA GLY B 223 -1.22 -2.00 6.69
C GLY B 223 -0.43 -1.73 5.43
N ILE B 224 0.53 -2.63 5.15
CA ILE B 224 1.33 -2.63 3.94
C ILE B 224 1.13 -4.00 3.31
N VAL B 225 0.81 -4.06 1.98
CA VAL B 225 0.65 -5.34 1.28
C VAL B 225 1.95 -6.12 1.47
N SER B 226 1.90 -7.33 2.06
CA SER B 226 3.14 -8.05 2.33
C SER B 226 3.23 -9.37 1.59
N TRP B 227 2.36 -10.32 1.92
CA TRP B 227 2.41 -11.64 1.30
C TRP B 227 1.07 -12.34 1.27
N GLY B 228 1.09 -13.49 0.62
CA GLY B 228 -0.04 -14.39 0.49
C GLY B 228 0.44 -15.67 -0.15
N GLU B 229 -0.44 -16.61 -0.32
CA GLU B 229 -0.12 -17.90 -0.95
C GLU B 229 -1.16 -18.02 -2.05
N GLY B 230 -0.73 -17.64 -3.25
CA GLY B 230 -1.61 -17.50 -4.39
C GLY B 230 -2.32 -16.14 -4.25
N CYS B 231 -3.40 -15.92 -5.02
CA CYS B 231 -4.19 -14.68 -4.95
C CYS B 231 -5.65 -15.03 -5.04
N ASP B 232 -6.43 -14.49 -4.11
CA ASP B 232 -7.89 -14.65 -4.06
C ASP B 232 -8.36 -16.12 -4.04
N ARG B 233 -7.58 -16.98 -3.35
CA ARG B 233 -7.95 -18.39 -3.23
C ARG B 233 -8.90 -18.50 -2.07
N ASP B 234 -9.93 -19.36 -2.20
CA ASP B 234 -10.90 -19.63 -1.16
C ASP B 234 -10.20 -20.19 0.06
N GLY B 235 -10.62 -19.77 1.25
CA GLY B 235 -10.03 -20.19 2.50
C GLY B 235 -8.64 -19.62 2.79
N LYS B 236 -8.10 -18.79 1.86
CA LYS B 236 -6.80 -18.11 2.04
C LYS B 236 -7.07 -16.59 2.21
N TYR B 237 -6.10 -15.87 2.82
CA TYR B 237 -6.23 -14.45 3.10
C TYR B 237 -4.93 -13.75 2.79
N GLY B 238 -5.02 -12.47 2.46
CA GLY B 238 -3.84 -11.65 2.23
C GLY B 238 -3.30 -11.21 3.58
N PHE B 239 -1.96 -11.14 3.69
CA PHE B 239 -1.25 -10.70 4.91
C PHE B 239 -0.64 -9.33 4.70
N TYR B 240 -0.75 -8.51 5.74
CA TYR B 240 -0.31 -7.12 5.71
C TYR B 240 0.61 -6.81 6.86
N THR B 241 1.60 -5.95 6.62
CA THR B 241 2.46 -5.48 7.71
C THR B 241 1.62 -4.58 8.62
N HIS B 242 1.67 -4.80 9.97
CA HIS B 242 0.91 -3.99 10.95
C HIS B 242 1.70 -2.70 11.23
N VAL B 243 1.30 -1.60 10.54
CA VAL B 243 2.02 -0.32 10.58
C VAL B 243 2.21 0.24 12.00
N PHE B 244 1.12 0.31 12.79
CA PHE B 244 1.24 0.84 14.14
C PHE B 244 2.27 0.07 15.01
N ARG B 245 2.35 -1.26 14.86
CA ARG B 245 3.33 -2.05 15.64
C ARG B 245 4.77 -1.63 15.37
N LEU B 246 5.04 -1.01 14.19
CA LEU B 246 6.39 -0.63 13.81
C LEU B 246 6.58 0.88 13.71
N LYS B 247 5.62 1.65 14.24
CA LYS B 247 5.64 3.09 14.19
C LYS B 247 6.84 3.71 14.93
N LYS B 248 7.31 3.05 16.03
CA LYS B 248 8.48 3.51 16.79
C LYS B 248 9.74 3.47 15.93
N TRP B 249 9.88 2.43 15.05
CA TRP B 249 11.01 2.38 14.12
C TRP B 249 10.85 3.51 13.08
N ILE B 250 9.59 3.72 12.58
CA ILE B 250 9.26 4.74 11.59
C ILE B 250 9.66 6.12 12.12
N GLN B 251 9.18 6.46 13.33
CA GLN B 251 9.47 7.73 13.99
C GLN B 251 10.97 7.95 14.17
N LYS B 252 11.71 6.92 14.63
CA LYS B 252 13.17 6.92 14.81
C LYS B 252 13.90 7.31 13.52
N VAL B 253 13.61 6.62 12.40
CA VAL B 253 14.22 6.89 11.08
C VAL B 253 13.92 8.30 10.58
N ILE B 254 12.66 8.78 10.74
CA ILE B 254 12.24 10.12 10.30
C ILE B 254 12.92 11.20 11.16
N ASP B 255 12.92 11.03 12.51
CA ASP B 255 13.59 11.93 13.44
C ASP B 255 15.14 11.95 13.21
N GLN B 256 15.66 10.97 12.43
CA GLN B 256 17.05 10.77 12.00
C GLN B 256 18.05 10.68 13.13
N PHE B 257 19.61 13.69 13.90
N ASP C 3 5.73 -2.73 -21.84
CA ASP C 3 4.66 -1.90 -22.38
C ASP C 3 4.49 -0.56 -21.66
N PHE C 4 5.57 -0.09 -21.02
CA PHE C 4 5.61 1.17 -20.28
C PHE C 4 6.12 2.32 -21.14
N GLU C 5 5.32 3.40 -21.21
CA GLU C 5 5.64 4.63 -21.95
C GLU C 5 6.91 5.23 -21.39
N GLU C 6 7.76 5.72 -22.31
CA GLU C 6 9.04 6.33 -21.97
C GLU C 6 8.81 7.56 -21.09
N ILE C 7 9.63 7.69 -20.06
CA ILE C 7 9.54 8.80 -19.14
C ILE C 7 10.61 9.86 -19.53
N PRO C 8 10.34 11.18 -19.34
CA PRO C 8 11.34 12.20 -19.72
C PRO C 8 12.78 11.94 -19.24
N GLU C 9 13.74 12.14 -20.15
CA GLU C 9 15.18 11.94 -19.94
C GLU C 9 15.73 12.57 -18.68
N GLU C 10 15.13 13.72 -18.26
CA GLU C 10 15.47 14.50 -17.07
C GLU C 10 15.44 13.67 -15.75
N TYS C 11 14.68 12.55 -15.73
CA TYS C 11 14.56 11.69 -14.55
CB TYS C 11 13.10 11.14 -14.47
CG TYS C 11 12.05 12.23 -14.42
CD1 TYS C 11 12.17 13.28 -13.46
CD2 TYS C 11 10.99 12.21 -15.34
CE1 TYS C 11 11.23 14.31 -13.42
CE2 TYS C 11 10.03 13.26 -15.30
CZ TYS C 11 10.14 14.29 -14.33
OH TYS C 11 9.20 15.31 -14.27
S TYS C 11 7.89 14.97 -13.54
O1 TYS C 11 7.10 13.92 -14.24
O2 TYS C 11 8.41 15.02 -12.16
O3 TYS C 11 7.07 16.20 -13.74
C TYS C 11 15.56 10.51 -14.55
O TYS C 11 15.50 9.66 -13.65
N LEU C 12 16.49 10.48 -15.54
CA LEU C 12 17.54 9.46 -15.71
C LEU C 12 16.91 8.09 -16.04
C1 NAG D . 22.65 -6.12 -0.75
C2 NAG D . 23.54 -7.15 0.02
C3 NAG D . 24.47 -6.32 1.00
C4 NAG D . 25.32 -5.23 0.26
C5 NAG D . 24.42 -4.37 -0.69
C6 NAG D . 25.30 -3.64 -1.74
C7 NAG D . 21.94 -8.24 1.70
C8 NAG D . 21.28 -9.56 2.03
N2 NAG D . 22.77 -8.29 0.58
O3 NAG D . 25.36 -7.17 1.76
O4 NAG D . 26.14 -4.44 1.17
O5 NAG D . 23.46 -5.15 -1.47
O6 NAG D . 24.54 -2.95 -2.74
O7 NAG D . 21.72 -7.24 2.39
C1 M4Z E . 4.90 -16.14 0.64
C2 M4Z E . 4.77 -17.67 0.75
C3 M4Z E . 4.54 -18.07 2.21
C4 M4Z E . 5.73 -17.62 3.06
C5 M4Z E . 5.84 -16.09 3.04
C6 M4Z E . 5.99 -15.60 1.59
N7 M4Z E . 4.13 -16.28 -1.72
C8 M4Z E . 5.17 -15.72 -0.81
C9 M4Z E . 5.10 -14.22 -0.90
O0 M4Z E . 4.00 -13.70 -0.86
N11 M4Z E . 6.19 -13.42 -1.00
C12 M4Z E . 6.30 -11.97 -1.21
C13 M4Z E . 5.38 -11.67 -2.38
O14 M4Z E . 5.43 -12.39 -3.36
N15 M4Z E . 4.40 -10.74 -2.26
C16 M4Z E . 3.46 -10.54 -3.36
C17 M4Z E . 2.07 -10.93 -2.93
C22 M4Z E . 1.26 -9.95 -2.36
C21 M4Z E . -0.01 -10.27 -1.94
C20 M4Z E . -0.48 -11.59 -2.06
C19 M4Z E . 0.34 -12.57 -2.65
C18 M4Z E . 1.63 -12.24 -3.07
C23 M4Z E . -1.88 -11.88 -1.67
N24 M4Z E . -2.55 -12.88 -2.21
N25 M4Z E . -2.50 -11.03 -0.80
C26 M4Z E . 7.80 -12.09 -1.54
C27 M4Z E . 7.65 -13.57 -1.14
C28 M4Z E . 4.24 -15.95 -3.17
C10 M4Z E . 1.42 -14.30 -6.69
C29 M4Z E . 2.90 -16.14 -3.86
O30 M4Z E . 2.04 -16.87 -3.39
C24 M4Z E . 1.44 -15.55 -5.82
N3 M4Z E . 2.69 -15.50 -5.04
H8 M4Z E . 6.15 -16.08 -1.13
H12 M4Z E . 6.07 -11.39 -0.32
NA NA F . -1.60 -22.62 10.81
NA NA G . -9.42 -15.85 -0.06
#